data_5GST
#
_entry.id   5GST
#
_cell.length_a   88.240
_cell.length_b   69.440
_cell.length_c   81.280
_cell.angle_alpha   90.00
_cell.angle_beta   106.01
_cell.angle_gamma   90.00
#
_symmetry.space_group_name_H-M   'C 1 2 1'
#
loop_
_entity.id
_entity.type
_entity.pdbx_description
1 polymer 'GLUTATHIONE S-TRANSFERASE'
2 non-polymer 'SULFATE ION'
3 non-polymer 'GLUTATHIONE S-(2,4 DINITROBENZENE)'
4 water water
#
_entity_poly.entity_id   1
_entity_poly.type   'polypeptide(L)'
_entity_poly.pdbx_seq_one_letter_code
;PMILGYWNVRGLTHPIRLLLEYTDSSYEEKRYAMGDAPDYDRSQWLNEKFKLGLDFPNLPYLIDGSRKITQSNAIMRYLA
RKHHLCGETEEERIRADIVENQVMDNRMQLIMLCYNPDFEKQKPEFLKTIPEKMKLYSEFLGKRPWFAGDKVTYVDFLAY
DILDQYHIFEPKCLDAFPNLKDFLARFEGLKKISAYMKSSRYLSTPIFSKLAQWSNK
;
_entity_poly.pdbx_strand_id   A,B
#
loop_
_chem_comp.id
_chem_comp.type
_chem_comp.name
_chem_comp.formula
GDN non-polymer 'GLUTATHIONE S-(2,4 DINITROBENZENE)' 'C16 H19 N5 O10 S'
SO4 non-polymer 'SULFATE ION' 'O4 S -2'
#
# COMPACT_ATOMS: atom_id res chain seq x y z
N PRO A 1 -17.14 -23.04 -2.63
CA PRO A 1 -16.75 -22.12 -1.55
C PRO A 1 -16.06 -20.85 -2.02
N MET A 2 -15.32 -20.18 -1.12
CA MET A 2 -14.54 -18.98 -1.47
C MET A 2 -13.42 -19.56 -2.35
N ILE A 3 -13.02 -18.76 -3.32
CA ILE A 3 -11.91 -19.08 -4.18
C ILE A 3 -10.74 -18.12 -4.07
N LEU A 4 -9.52 -18.63 -3.90
CA LEU A 4 -8.32 -17.70 -3.85
C LEU A 4 -7.42 -18.00 -5.01
N GLY A 5 -7.06 -17.09 -5.89
CA GLY A 5 -6.08 -17.34 -6.98
C GLY A 5 -4.77 -16.57 -6.70
N TYR A 6 -3.64 -17.15 -7.01
CA TYR A 6 -2.31 -16.59 -6.86
C TYR A 6 -1.35 -17.54 -7.48
N TRP A 7 -0.15 -17.11 -7.70
CA TRP A 7 0.98 -17.91 -8.19
C TRP A 7 1.17 -19.06 -7.15
N ASN A 8 1.78 -20.09 -7.66
CA ASN A 8 2.04 -21.29 -6.83
C ASN A 8 3.28 -20.96 -5.99
N VAL A 9 3.15 -19.84 -5.27
CA VAL A 9 4.26 -19.33 -4.46
C VAL A 9 3.75 -18.59 -3.24
N ARG A 10 4.74 -18.38 -2.35
CA ARG A 10 4.51 -17.67 -1.11
C ARG A 10 4.18 -16.22 -1.52
N GLY A 11 5.10 -15.51 -2.12
CA GLY A 11 4.80 -14.14 -2.59
C GLY A 11 4.20 -13.31 -1.47
N LEU A 12 3.13 -12.62 -1.73
CA LEU A 12 2.46 -11.68 -0.86
C LEU A 12 1.14 -12.17 -0.30
N THR A 13 0.80 -13.38 -0.71
CA THR A 13 -0.47 -14.02 -0.35
C THR A 13 -0.36 -14.92 0.87
N HIS A 14 0.76 -14.94 1.58
CA HIS A 14 0.87 -15.86 2.75
C HIS A 14 -0.08 -15.49 3.85
N PRO A 15 -0.19 -14.20 4.18
CA PRO A 15 -1.14 -13.69 5.18
C PRO A 15 -2.58 -14.09 4.99
N ILE A 16 -3.06 -14.13 3.80
CA ILE A 16 -4.42 -14.51 3.40
C ILE A 16 -4.68 -16.03 3.63
N ARG A 17 -3.76 -16.77 3.16
CA ARG A 17 -3.86 -18.30 3.27
C ARG A 17 -3.93 -18.62 4.74
N LEU A 18 -3.01 -18.02 5.54
CA LEU A 18 -3.10 -18.10 6.99
C LEU A 18 -4.37 -17.64 7.59
N LEU A 19 -4.94 -16.47 7.21
CA LEU A 19 -6.17 -16.00 7.83
C LEU A 19 -7.34 -16.90 7.43
N LEU A 20 -7.31 -17.35 6.20
CA LEU A 20 -8.47 -18.24 5.81
C LEU A 20 -8.55 -19.49 6.74
N GLU A 21 -7.39 -19.99 7.04
CA GLU A 21 -7.18 -21.15 7.96
C GLU A 21 -7.59 -20.86 9.35
N TYR A 22 -7.13 -19.77 9.98
CA TYR A 22 -7.40 -19.42 11.38
C TYR A 22 -8.89 -19.31 11.67
N THR A 23 -9.63 -18.71 10.73
CA THR A 23 -11.03 -18.45 10.78
C THR A 23 -11.92 -19.64 10.41
N ASP A 24 -11.35 -20.76 10.03
CA ASP A 24 -12.17 -21.95 9.68
C ASP A 24 -13.07 -21.64 8.50
N SER A 25 -12.52 -20.98 7.50
CA SER A 25 -13.27 -20.62 6.29
C SER A 25 -13.20 -21.78 5.32
N SER A 26 -14.30 -21.97 4.58
CA SER A 26 -14.28 -23.04 3.53
C SER A 26 -13.83 -22.28 2.28
N TYR A 27 -12.87 -22.80 1.56
CA TYR A 27 -12.34 -22.07 0.40
C TYR A 27 -11.53 -23.08 -0.36
N GLU A 28 -11.30 -22.82 -1.64
CA GLU A 28 -10.40 -23.60 -2.47
C GLU A 28 -9.45 -22.59 -3.10
N GLU A 29 -8.36 -23.05 -3.66
CA GLU A 29 -7.37 -22.19 -4.28
C GLU A 29 -7.07 -22.63 -5.68
N LYS A 30 -6.66 -21.63 -6.45
CA LYS A 30 -6.14 -21.82 -7.79
C LYS A 30 -4.72 -21.26 -7.67
N ARG A 31 -3.75 -22.10 -7.89
CA ARG A 31 -2.31 -21.90 -7.86
C ARG A 31 -1.82 -21.97 -9.30
N TYR A 32 -1.70 -20.76 -9.88
CA TYR A 32 -1.24 -20.64 -11.29
C TYR A 32 0.23 -20.92 -11.39
N ALA A 33 0.68 -21.65 -12.42
CA ALA A 33 2.11 -21.87 -12.61
C ALA A 33 2.71 -20.89 -13.60
N MET A 34 3.99 -20.61 -13.44
CA MET A 34 4.75 -19.71 -14.32
C MET A 34 5.85 -20.46 -15.05
N GLY A 35 5.95 -20.22 -16.35
CA GLY A 35 7.02 -20.87 -17.14
C GLY A 35 8.37 -20.49 -16.50
N ASP A 36 9.36 -21.18 -17.05
CA ASP A 36 10.78 -21.06 -16.70
C ASP A 36 11.51 -20.14 -17.69
N ALA A 37 12.71 -19.74 -17.30
CA ALA A 37 13.54 -18.88 -18.16
C ALA A 37 13.54 -19.49 -19.56
N PRO A 38 13.85 -18.71 -20.56
CA PRO A 38 14.20 -17.28 -20.49
C PRO A 38 13.00 -16.38 -20.76
N ASP A 39 11.81 -16.97 -20.91
CA ASP A 39 10.60 -16.22 -21.25
C ASP A 39 9.53 -16.13 -20.17
N TYR A 40 9.58 -17.05 -19.21
CA TYR A 40 8.62 -17.04 -18.09
C TYR A 40 7.16 -16.91 -18.48
N ASP A 41 6.61 -17.87 -19.17
CA ASP A 41 5.21 -17.90 -19.62
C ASP A 41 4.24 -17.59 -18.48
N ARG A 42 3.24 -16.77 -18.82
CA ARG A 42 2.23 -16.36 -17.84
C ARG A 42 0.83 -16.75 -18.29
N SER A 43 0.73 -17.49 -19.39
CA SER A 43 -0.57 -17.83 -19.95
C SER A 43 -1.65 -18.52 -19.15
N GLN A 44 -1.32 -19.39 -18.19
CA GLN A 44 -2.41 -20.03 -17.40
C GLN A 44 -3.26 -18.96 -16.72
N TRP A 45 -2.52 -17.90 -16.31
CA TRP A 45 -3.14 -16.75 -15.66
C TRP A 45 -3.73 -15.83 -16.77
N LEU A 46 -2.89 -15.46 -17.69
CA LEU A 46 -3.34 -14.58 -18.79
C LEU A 46 -4.56 -15.06 -19.54
N ASN A 47 -4.77 -16.35 -19.68
CA ASN A 47 -5.95 -16.90 -20.34
C ASN A 47 -7.28 -16.58 -19.64
N GLU A 48 -7.27 -16.25 -18.36
CA GLU A 48 -8.51 -15.94 -17.67
C GLU A 48 -8.51 -14.59 -16.96
N LYS A 49 -7.39 -13.91 -16.99
CA LYS A 49 -7.21 -12.63 -16.31
C LYS A 49 -8.43 -11.71 -16.42
N PHE A 50 -8.99 -11.60 -17.61
CA PHE A 50 -10.09 -10.72 -17.97
C PHE A 50 -11.44 -11.41 -18.07
N LYS A 51 -11.54 -12.62 -17.54
CA LYS A 51 -12.79 -13.38 -17.57
C LYS A 51 -13.42 -13.75 -16.25
N LEU A 52 -12.86 -13.25 -15.15
CA LEU A 52 -13.38 -13.54 -13.80
C LEU A 52 -14.35 -12.52 -13.27
N GLY A 53 -14.64 -11.44 -14.03
CA GLY A 53 -15.58 -10.44 -13.49
C GLY A 53 -14.96 -9.57 -12.39
N LEU A 54 -13.63 -9.45 -12.38
CA LEU A 54 -12.91 -8.63 -11.40
C LEU A 54 -12.83 -7.18 -11.93
N ASP A 55 -13.03 -6.22 -11.07
CA ASP A 55 -12.93 -4.79 -11.33
C ASP A 55 -11.56 -4.34 -11.81
N PHE A 56 -10.52 -4.66 -11.06
CA PHE A 56 -9.11 -4.36 -11.45
C PHE A 56 -8.38 -5.68 -11.35
N PRO A 57 -8.38 -6.45 -12.43
CA PRO A 57 -7.74 -7.76 -12.45
C PRO A 57 -6.29 -7.80 -11.99
N ASN A 58 -6.10 -8.73 -11.00
CA ASN A 58 -4.72 -8.88 -10.44
C ASN A 58 -4.66 -10.19 -9.66
N LEU A 59 -3.45 -10.42 -9.13
CA LEU A 59 -3.21 -11.64 -8.28
C LEU A 59 -2.62 -11.08 -6.96
N PRO A 60 -3.14 -11.43 -5.82
CA PRO A 60 -4.26 -12.40 -5.67
C PRO A 60 -5.67 -11.83 -5.86
N TYR A 61 -6.63 -12.76 -5.91
CA TYR A 61 -8.06 -12.33 -5.96
C TYR A 61 -8.83 -13.34 -5.08
N LEU A 62 -9.88 -12.89 -4.49
CA LEU A 62 -10.81 -13.60 -3.66
C LEU A 62 -12.23 -13.51 -4.23
N ILE A 63 -12.79 -14.65 -4.64
CA ILE A 63 -14.22 -14.69 -5.03
C ILE A 63 -14.96 -15.37 -3.85
N ASP A 64 -15.89 -14.65 -3.30
CA ASP A 64 -16.76 -15.06 -2.21
C ASP A 64 -18.22 -14.87 -2.70
N GLY A 65 -18.57 -15.83 -3.55
CA GLY A 65 -19.94 -15.82 -4.13
C GLY A 65 -20.00 -14.70 -5.18
N SER A 66 -20.66 -13.63 -4.81
CA SER A 66 -20.83 -12.49 -5.72
C SER A 66 -19.83 -11.37 -5.46
N ARG A 67 -19.06 -11.49 -4.39
CA ARG A 67 -18.01 -10.49 -4.07
C ARG A 67 -16.69 -11.00 -4.63
N LYS A 68 -16.10 -10.19 -5.49
CA LYS A 68 -14.85 -10.40 -6.18
C LYS A 68 -13.93 -9.25 -5.70
N ILE A 69 -12.85 -9.66 -5.07
CA ILE A 69 -11.90 -8.65 -4.52
C ILE A 69 -10.52 -8.91 -5.06
N THR A 70 -9.78 -7.85 -5.27
CA THR A 70 -8.39 -7.80 -5.68
C THR A 70 -7.79 -6.78 -4.70
N GLN A 71 -6.48 -6.82 -4.69
CA GLN A 71 -5.63 -6.03 -3.74
C GLN A 71 -5.55 -6.83 -2.43
N SER A 72 -4.43 -7.45 -2.19
CA SER A 72 -4.15 -8.29 -0.97
C SER A 72 -4.65 -7.73 0.29
N ASN A 73 -4.40 -6.38 0.54
CA ASN A 73 -4.84 -5.65 1.72
C ASN A 73 -6.36 -5.56 1.73
N ALA A 74 -7.04 -5.36 0.61
CA ALA A 74 -8.52 -5.31 0.74
C ALA A 74 -9.13 -6.72 1.07
N ILE A 75 -8.55 -7.74 0.55
CA ILE A 75 -8.93 -9.13 0.87
C ILE A 75 -8.70 -9.35 2.39
N MET A 76 -7.56 -8.90 2.89
CA MET A 76 -7.24 -9.09 4.33
C MET A 76 -8.30 -8.46 5.17
N ARG A 77 -8.69 -7.17 4.78
CA ARG A 77 -9.69 -6.43 5.50
C ARG A 77 -11.08 -7.02 5.34
N TYR A 78 -11.48 -7.51 4.23
CA TYR A 78 -12.88 -8.04 4.09
C TYR A 78 -12.99 -9.26 5.10
N LEU A 79 -11.96 -10.06 5.08
CA LEU A 79 -11.93 -11.24 6.01
C LEU A 79 -11.98 -10.79 7.45
N ALA A 80 -11.29 -9.72 7.82
CA ALA A 80 -11.27 -9.22 9.18
C ALA A 80 -12.60 -8.73 9.64
N ARG A 81 -13.33 -8.04 8.78
CA ARG A 81 -14.66 -7.49 9.15
C ARG A 81 -15.66 -8.64 9.40
N LYS A 82 -15.65 -9.63 8.56
CA LYS A 82 -16.50 -10.82 8.55
C LYS A 82 -16.30 -11.62 9.83
N HIS A 83 -15.06 -11.63 10.29
CA HIS A 83 -14.72 -12.48 11.48
C HIS A 83 -14.36 -11.72 12.72
N HIS A 84 -14.68 -10.42 12.73
CA HIS A 84 -14.35 -9.53 13.84
C HIS A 84 -12.90 -9.54 14.26
N LEU A 85 -11.96 -9.50 13.31
CA LEU A 85 -10.53 -9.41 13.63
C LEU A 85 -9.99 -7.99 13.36
N CYS A 86 -10.67 -6.99 13.84
CA CYS A 86 -10.24 -5.58 13.69
C CYS A 86 -9.96 -4.97 15.06
N GLY A 87 -9.33 -3.80 15.05
CA GLY A 87 -9.05 -3.12 16.35
C GLY A 87 -10.45 -2.70 16.84
N GLU A 88 -10.65 -2.73 18.14
CA GLU A 88 -11.94 -2.35 18.71
C GLU A 88 -12.09 -0.90 19.13
N THR A 89 -11.00 -0.21 19.33
CA THR A 89 -11.00 1.20 19.77
C THR A 89 -10.20 1.98 18.74
N GLU A 90 -10.14 3.29 18.92
CA GLU A 90 -9.37 4.15 18.00
C GLU A 90 -7.90 3.78 17.93
N GLU A 91 -7.32 3.59 19.13
CA GLU A 91 -5.91 3.19 19.29
C GLU A 91 -5.46 2.00 18.47
N GLU A 92 -6.26 0.94 18.61
CA GLU A 92 -5.98 -0.35 17.94
C GLU A 92 -6.09 -0.12 16.43
N ARG A 93 -7.10 0.67 16.08
CA ARG A 93 -7.31 0.93 14.61
C ARG A 93 -6.16 1.70 14.02
N ILE A 94 -5.59 2.65 14.80
CA ILE A 94 -4.42 3.39 14.23
C ILE A 94 -3.20 2.54 14.14
N ARG A 95 -2.98 1.74 15.23
CA ARG A 95 -1.83 0.78 15.26
C ARG A 95 -1.92 -0.10 14.04
N ALA A 96 -3.13 -0.65 13.87
CA ALA A 96 -3.27 -1.56 12.66
C ALA A 96 -2.99 -0.96 11.31
N ASP A 97 -3.58 0.26 11.11
CA ASP A 97 -3.33 0.96 9.81
C ASP A 97 -1.87 1.15 9.58
N ILE A 98 -1.11 1.58 10.63
CA ILE A 98 0.31 1.84 10.43
C ILE A 98 1.08 0.60 10.00
N VAL A 99 0.87 -0.45 10.78
CA VAL A 99 1.61 -1.75 10.56
C VAL A 99 1.29 -2.35 9.20
N GLU A 100 0.00 -2.31 8.89
CA GLU A 100 -0.42 -2.81 7.53
C GLU A 100 0.47 -2.22 6.48
N ASN A 101 0.55 -0.87 6.53
CA ASN A 101 1.30 -0.11 5.46
C ASN A 101 2.80 -0.25 5.57
N GLN A 102 3.24 -0.29 6.86
CA GLN A 102 4.74 -0.39 7.03
C GLN A 102 5.20 -1.71 6.44
N VAL A 103 4.46 -2.78 6.73
CA VAL A 103 4.77 -4.12 6.16
C VAL A 103 4.96 -4.10 4.69
N MET A 104 3.97 -3.40 4.04
CA MET A 104 4.09 -3.35 2.53
C MET A 104 5.35 -2.60 2.11
N ASP A 105 5.73 -1.60 2.86
CA ASP A 105 7.00 -0.88 2.53
C ASP A 105 8.17 -1.91 2.67
N ASN A 106 8.15 -2.57 3.86
CA ASN A 106 9.33 -3.50 4.02
C ASN A 106 9.26 -4.64 2.98
N ARG A 107 8.04 -5.01 2.58
CA ARG A 107 8.00 -6.09 1.53
C ARG A 107 8.55 -5.58 0.22
N MET A 108 8.15 -4.40 -0.25
CA MET A 108 8.70 -3.82 -1.49
C MET A 108 10.21 -3.64 -1.52
N GLN A 109 10.85 -3.31 -0.42
CA GLN A 109 12.30 -3.16 -0.35
C GLN A 109 13.03 -4.44 -0.70
N LEU A 110 12.52 -5.53 -0.21
CA LEU A 110 13.07 -6.89 -0.41
C LEU A 110 12.92 -7.36 -1.83
N ILE A 111 11.71 -7.17 -2.37
CA ILE A 111 11.38 -7.46 -3.77
C ILE A 111 12.34 -6.68 -4.66
N MET A 112 12.47 -5.36 -4.52
CA MET A 112 13.34 -4.51 -5.35
C MET A 112 14.79 -5.01 -5.38
N LEU A 113 15.25 -5.46 -4.21
CA LEU A 113 16.60 -6.03 -4.09
C LEU A 113 16.70 -7.32 -4.92
N CYS A 114 15.89 -8.29 -4.57
CA CYS A 114 15.88 -9.61 -5.17
C CYS A 114 15.44 -9.71 -6.62
N TYR A 115 15.13 -8.58 -7.23
CA TYR A 115 14.77 -8.60 -8.66
C TYR A 115 15.83 -7.80 -9.41
N ASN A 116 16.70 -7.16 -8.66
CA ASN A 116 17.75 -6.30 -9.23
C ASN A 116 18.88 -7.16 -9.80
N PRO A 117 19.10 -7.00 -11.09
CA PRO A 117 20.14 -7.71 -11.82
C PRO A 117 21.50 -7.56 -11.15
N ASP A 118 21.57 -6.72 -10.14
CA ASP A 118 22.85 -6.50 -9.42
C ASP A 118 22.77 -6.99 -7.97
N PHE A 119 21.98 -8.05 -7.80
CA PHE A 119 21.71 -8.68 -6.52
C PHE A 119 23.05 -8.83 -5.81
N GLU A 120 23.93 -9.59 -6.40
CA GLU A 120 25.25 -9.90 -5.82
C GLU A 120 25.99 -8.73 -5.21
N LYS A 121 26.06 -7.59 -5.90
CA LYS A 121 26.77 -6.40 -5.47
C LYS A 121 25.99 -5.42 -4.59
N GLN A 122 24.67 -5.53 -4.59
CA GLN A 122 23.79 -4.61 -3.88
C GLN A 122 23.41 -5.16 -2.49
N LYS A 123 23.50 -6.47 -2.39
CA LYS A 123 23.14 -7.15 -1.12
C LYS A 123 23.82 -6.62 0.11
N PRO A 124 25.13 -6.53 0.09
CA PRO A 124 25.92 -6.00 1.21
C PRO A 124 25.32 -4.70 1.76
N GLU A 125 24.82 -3.87 0.87
CA GLU A 125 24.17 -2.59 1.18
C GLU A 125 22.86 -2.81 1.93
N PHE A 126 22.02 -3.66 1.35
CA PHE A 126 20.71 -3.98 1.91
C PHE A 126 20.89 -4.60 3.30
N LEU A 127 21.89 -5.48 3.33
CA LEU A 127 22.19 -6.18 4.60
C LEU A 127 22.32 -5.21 5.74
N LYS A 128 23.03 -4.09 5.53
CA LYS A 128 23.28 -3.09 6.56
C LYS A 128 22.04 -2.42 7.15
N THR A 129 20.99 -2.36 6.33
CA THR A 129 19.73 -1.74 6.76
C THR A 129 18.85 -2.60 7.64
N ILE A 130 18.98 -3.90 7.64
CA ILE A 130 18.14 -4.79 8.44
C ILE A 130 18.06 -4.48 9.91
N PRO A 131 19.22 -4.23 10.55
CA PRO A 131 19.23 -3.99 12.00
C PRO A 131 18.25 -2.86 12.32
N GLU A 132 18.24 -1.80 11.52
CA GLU A 132 17.30 -0.68 11.80
C GLU A 132 15.85 -1.02 11.67
N LYS A 133 15.55 -1.76 10.63
CA LYS A 133 14.18 -2.22 10.37
C LYS A 133 13.53 -2.98 11.50
N MET A 134 14.31 -3.99 11.94
CA MET A 134 13.90 -4.90 13.03
C MET A 134 13.73 -4.15 14.30
N LYS A 135 14.68 -3.20 14.57
CA LYS A 135 14.54 -2.44 15.83
C LYS A 135 13.23 -1.70 15.91
N LEU A 136 12.84 -1.13 14.73
CA LEU A 136 11.53 -0.33 14.76
C LEU A 136 10.39 -1.23 15.14
N TYR A 137 10.31 -2.42 14.55
CA TYR A 137 9.28 -3.43 14.87
C TYR A 137 9.34 -3.83 16.35
N SER A 138 10.57 -4.09 16.79
CA SER A 138 10.68 -4.50 18.24
C SER A 138 10.10 -3.52 19.24
N GLU A 139 10.55 -2.27 19.06
CA GLU A 139 10.08 -1.18 19.94
C GLU A 139 8.63 -0.85 19.75
N PHE A 140 8.06 -1.08 18.58
CA PHE A 140 6.59 -0.75 18.41
C PHE A 140 5.75 -1.72 19.20
N LEU A 141 6.04 -3.01 19.03
CA LEU A 141 5.32 -4.10 19.74
C LEU A 141 5.52 -3.99 21.24
N GLY A 142 6.78 -3.76 21.65
CA GLY A 142 7.13 -3.58 23.08
C GLY A 142 6.83 -4.88 23.85
N LYS A 143 5.98 -4.75 24.83
CA LYS A 143 5.55 -5.89 25.68
C LYS A 143 4.14 -6.38 25.44
N ARG A 144 3.44 -5.94 24.41
CA ARG A 144 2.09 -6.40 24.11
C ARG A 144 2.26 -7.75 23.40
N PRO A 145 1.29 -8.60 23.55
CA PRO A 145 1.36 -9.93 22.89
C PRO A 145 1.14 -9.84 21.39
N TRP A 146 0.38 -8.84 20.95
CA TRP A 146 0.12 -8.77 19.46
C TRP A 146 0.23 -7.30 18.97
N PHE A 147 0.37 -7.17 17.64
CA PHE A 147 0.56 -5.79 17.12
C PHE A 147 -0.41 -4.68 17.47
N ALA A 148 -1.69 -4.95 17.59
CA ALA A 148 -2.62 -3.84 17.89
C ALA A 148 -3.05 -3.72 19.31
N GLY A 149 -2.72 -4.69 20.16
CA GLY A 149 -3.18 -4.65 21.57
C GLY A 149 -3.25 -6.03 22.23
N ASP A 150 -4.21 -6.30 23.06
CA ASP A 150 -4.38 -7.56 23.80
C ASP A 150 -4.96 -8.73 23.03
N LYS A 151 -5.35 -8.53 21.80
CA LYS A 151 -5.99 -9.50 20.92
C LYS A 151 -5.42 -9.57 19.50
N VAL A 152 -5.43 -10.81 19.01
CA VAL A 152 -5.01 -11.07 17.63
C VAL A 152 -6.02 -10.27 16.76
N THR A 153 -5.42 -9.75 15.71
CA THR A 153 -6.21 -9.00 14.70
C THR A 153 -5.56 -9.33 13.39
N TYR A 154 -6.14 -8.89 12.26
CA TYR A 154 -5.45 -9.20 10.98
C TYR A 154 -4.08 -8.67 10.79
N VAL A 155 -3.59 -7.59 11.45
CA VAL A 155 -2.24 -7.15 11.14
C VAL A 155 -1.13 -8.09 11.59
N ASP A 156 -1.45 -8.95 12.55
CA ASP A 156 -0.50 -9.96 13.05
C ASP A 156 -0.17 -10.92 11.97
N PHE A 157 -1.14 -11.14 11.08
CA PHE A 157 -0.87 -12.09 9.92
C PHE A 157 0.14 -11.51 8.96
N LEU A 158 0.02 -10.23 8.68
CA LEU A 158 0.95 -9.47 7.83
C LEU A 158 2.33 -9.29 8.49
N ALA A 159 2.31 -8.91 9.77
CA ALA A 159 3.62 -8.73 10.50
C ALA A 159 4.42 -10.05 10.54
N TYR A 160 3.73 -11.10 10.89
CA TYR A 160 4.36 -12.48 10.94
C TYR A 160 5.09 -12.79 9.71
N ASP A 161 4.32 -12.66 8.60
CA ASP A 161 4.81 -12.89 7.25
C ASP A 161 6.13 -12.17 7.02
N ILE A 162 6.14 -10.84 7.13
CA ILE A 162 7.36 -10.10 6.75
C ILE A 162 8.62 -10.44 7.57
N LEU A 163 8.52 -10.46 8.83
CA LEU A 163 9.49 -10.88 9.87
C LEU A 163 10.01 -12.29 9.61
N ASP A 164 9.13 -13.14 9.11
CA ASP A 164 9.53 -14.55 8.74
C ASP A 164 10.37 -14.50 7.51
N GLN A 165 10.03 -13.74 6.40
CA GLN A 165 10.89 -13.64 5.24
C GLN A 165 12.26 -12.97 5.46
N TYR A 166 12.28 -11.92 6.24
CA TYR A 166 13.58 -11.26 6.52
C TYR A 166 14.51 -12.22 7.31
N HIS A 167 13.92 -12.98 8.16
CA HIS A 167 14.62 -14.01 8.99
C HIS A 167 15.20 -15.09 8.11
N ILE A 168 14.50 -15.50 7.04
CA ILE A 168 14.96 -16.47 6.06
C ILE A 168 16.16 -16.00 5.27
N PHE A 169 16.12 -14.73 4.88
CA PHE A 169 17.12 -13.97 4.11
C PHE A 169 18.37 -13.74 4.99
N GLU A 170 18.17 -13.40 6.22
CA GLU A 170 19.28 -13.08 7.17
C GLU A 170 18.95 -13.68 8.52
N PRO A 171 19.35 -14.96 8.67
CA PRO A 171 19.08 -15.78 9.86
C PRO A 171 19.38 -15.13 11.20
N LYS A 172 20.46 -14.38 11.18
CA LYS A 172 20.85 -13.69 12.45
C LYS A 172 20.18 -12.36 12.66
N CYS A 173 19.26 -11.97 11.75
CA CYS A 173 18.63 -10.65 11.95
C CYS A 173 17.73 -10.50 13.12
N LEU A 174 17.30 -11.56 13.80
CA LEU A 174 16.39 -11.38 14.96
C LEU A 174 16.93 -11.63 16.36
N ASP A 175 18.18 -11.98 16.41
CA ASP A 175 18.94 -12.37 17.64
C ASP A 175 18.94 -11.32 18.72
N ALA A 176 19.08 -10.07 18.31
CA ALA A 176 19.13 -8.96 19.31
C ALA A 176 17.74 -8.52 19.78
N PHE A 177 16.71 -9.12 19.15
CA PHE A 177 15.33 -8.84 19.44
C PHE A 177 14.45 -9.94 19.98
N PRO A 178 14.54 -10.18 21.26
CA PRO A 178 13.71 -11.09 22.03
C PRO A 178 12.23 -11.13 21.73
N ASN A 179 11.57 -9.99 21.93
CA ASN A 179 10.11 -9.87 21.72
C ASN A 179 9.66 -10.29 20.31
N LEU A 180 10.45 -10.20 19.28
CA LEU A 180 10.19 -10.55 17.92
C LEU A 180 10.26 -12.08 17.74
N LYS A 181 11.23 -12.66 18.44
CA LYS A 181 11.29 -14.17 18.27
C LYS A 181 10.13 -14.77 19.00
N ASP A 182 9.70 -14.18 20.09
CA ASP A 182 8.58 -14.60 20.92
C ASP A 182 7.25 -14.42 20.16
N PHE A 183 7.20 -13.28 19.44
CA PHE A 183 5.95 -12.98 18.70
C PHE A 183 5.83 -14.08 17.65
N LEU A 184 6.93 -14.45 17.00
CA LEU A 184 6.82 -15.49 16.01
C LEU A 184 6.32 -16.86 16.49
N ALA A 185 6.60 -17.16 17.77
CA ALA A 185 6.27 -18.44 18.41
C ALA A 185 4.82 -18.49 18.89
N ARG A 186 4.41 -17.33 19.39
CA ARG A 186 3.02 -17.13 19.84
C ARG A 186 2.10 -17.41 18.66
N PHE A 187 2.40 -16.81 17.51
CA PHE A 187 1.61 -16.88 16.30
C PHE A 187 1.64 -18.31 15.75
N GLU A 188 2.82 -18.89 15.63
CA GLU A 188 2.95 -20.27 15.13
C GLU A 188 2.30 -21.25 16.08
N GLY A 189 2.17 -20.82 17.31
CA GLY A 189 1.60 -21.49 18.46
C GLY A 189 0.10 -21.58 18.48
N LEU A 190 -0.62 -20.75 17.71
CA LEU A 190 -2.09 -20.79 17.63
C LEU A 190 -2.54 -22.09 16.94
N LYS A 191 -3.56 -22.68 17.48
CA LYS A 191 -4.15 -23.97 17.17
C LYS A 191 -4.29 -24.24 15.66
N LYS A 192 -5.06 -23.32 15.06
CA LYS A 192 -5.37 -23.49 13.61
C LYS A 192 -4.14 -23.28 12.78
N ILE A 193 -3.17 -22.49 13.29
CA ILE A 193 -1.93 -22.29 12.49
C ILE A 193 -0.95 -23.47 12.59
N SER A 194 -0.78 -24.03 13.79
CA SER A 194 0.15 -25.18 13.90
C SER A 194 -0.31 -26.29 12.94
N ALA A 195 -1.58 -26.55 12.88
CA ALA A 195 -2.26 -27.55 12.10
C ALA A 195 -2.14 -27.40 10.61
N TYR A 196 -2.17 -26.16 10.12
CA TYR A 196 -2.07 -25.85 8.69
C TYR A 196 -0.68 -26.04 8.17
N MET A 197 0.36 -25.71 8.89
CA MET A 197 1.80 -25.73 8.65
C MET A 197 2.35 -27.15 8.41
N LYS A 198 1.58 -28.10 8.89
CA LYS A 198 1.80 -29.56 8.73
C LYS A 198 0.94 -30.19 7.64
N SER A 199 0.07 -29.33 7.05
CA SER A 199 -0.93 -29.86 6.10
C SER A 199 -0.31 -30.09 4.77
N SER A 200 -1.04 -30.73 3.85
CA SER A 200 -0.59 -30.84 2.47
C SER A 200 -0.78 -29.43 1.83
N ARG A 201 -1.53 -28.53 2.42
CA ARG A 201 -1.66 -27.17 1.77
C ARG A 201 -0.53 -26.17 1.98
N TYR A 202 0.41 -26.39 2.90
CA TYR A 202 1.48 -25.48 3.25
C TYR A 202 2.50 -25.21 2.15
N LEU A 203 2.84 -23.94 2.03
CA LEU A 203 3.78 -23.50 0.97
C LEU A 203 4.60 -22.32 1.51
N SER A 204 5.77 -22.65 2.02
CA SER A 204 6.65 -21.63 2.62
C SER A 204 7.65 -21.02 1.63
N THR A 205 8.18 -21.85 0.77
CA THR A 205 9.10 -21.44 -0.28
C THR A 205 8.72 -22.16 -1.58
N PRO A 206 9.09 -21.61 -2.73
CA PRO A 206 9.87 -20.38 -2.88
C PRO A 206 9.02 -19.18 -2.46
N ILE A 207 9.76 -18.13 -2.12
CA ILE A 207 9.16 -16.87 -1.73
C ILE A 207 8.82 -16.09 -3.01
N PHE A 208 9.70 -16.19 -3.98
CA PHE A 208 9.46 -15.43 -5.23
C PHE A 208 9.31 -16.32 -6.45
N SER A 209 9.08 -15.65 -7.56
CA SER A 209 8.97 -16.28 -8.89
C SER A 209 10.38 -16.54 -9.40
N LYS A 210 10.50 -17.43 -10.35
CA LYS A 210 11.69 -17.89 -11.02
C LYS A 210 12.52 -16.79 -11.70
N LEU A 211 12.00 -15.59 -11.62
CA LEU A 211 12.68 -14.44 -12.24
C LEU A 211 13.32 -13.54 -11.17
N ALA A 212 13.40 -14.06 -9.96
CA ALA A 212 14.04 -13.30 -8.87
C ALA A 212 15.45 -13.87 -8.73
N GLN A 213 16.28 -13.11 -8.02
CA GLN A 213 17.68 -13.46 -7.79
C GLN A 213 17.83 -14.37 -6.56
N TRP A 214 16.89 -14.26 -5.64
CA TRP A 214 16.91 -15.05 -4.40
C TRP A 214 15.57 -15.71 -4.14
N SER A 215 15.71 -16.98 -3.79
CA SER A 215 14.59 -17.84 -3.39
C SER A 215 13.54 -18.00 -4.50
N ASN A 216 14.03 -18.25 -5.68
CA ASN A 216 13.19 -18.32 -6.89
C ASN A 216 12.76 -19.76 -7.15
N LYS A 217 13.06 -20.55 -6.14
CA LYS A 217 12.76 -21.98 -6.02
C LYS A 217 13.00 -22.33 -4.54
N PRO B 1 -2.75 23.33 16.88
CA PRO B 1 -3.06 22.77 15.56
C PRO B 1 -2.32 21.47 15.25
N MET B 2 -2.78 20.90 14.13
CA MET B 2 -2.14 19.64 13.66
C MET B 2 -0.91 20.05 12.88
N ILE B 3 0.05 19.18 12.68
CA ILE B 3 1.23 19.42 11.87
C ILE B 3 1.38 18.26 10.88
N LEU B 4 1.46 18.68 9.63
CA LEU B 4 1.69 17.83 8.49
C LEU B 4 3.12 18.08 8.03
N GLY B 5 3.93 17.05 7.96
CA GLY B 5 5.31 17.07 7.45
C GLY B 5 5.49 16.38 6.14
N TYR B 6 6.24 16.99 5.22
CA TYR B 6 6.54 16.39 3.92
C TYR B 6 7.56 17.19 3.14
N TRP B 7 8.04 16.72 2.03
CA TRP B 7 8.91 17.41 1.08
C TRP B 7 8.08 18.58 0.49
N ASN B 8 8.83 19.60 0.09
CA ASN B 8 8.08 20.81 -0.44
C ASN B 8 7.73 20.51 -1.88
N VAL B 9 7.16 19.34 -2.12
CA VAL B 9 6.76 18.87 -3.47
C VAL B 9 5.35 18.28 -3.30
N ARG B 10 4.68 18.13 -4.45
CA ARG B 10 3.35 17.51 -4.45
C ARG B 10 3.44 16.03 -4.06
N GLY B 11 4.17 15.28 -4.84
CA GLY B 11 4.37 13.86 -4.53
C GLY B 11 3.09 13.17 -4.02
N LEU B 12 3.32 12.33 -2.99
CA LEU B 12 2.20 11.51 -2.51
C LEU B 12 1.36 12.03 -1.40
N THR B 13 1.54 13.25 -0.92
CA THR B 13 0.77 13.89 0.11
C THR B 13 -0.36 14.81 -0.37
N HIS B 14 -0.59 14.89 -1.67
CA HIS B 14 -1.68 15.77 -2.20
C HIS B 14 -3.01 15.49 -1.58
N PRO B 15 -3.36 14.17 -1.57
CA PRO B 15 -4.62 13.70 -0.97
C PRO B 15 -4.84 14.13 0.45
N ILE B 16 -3.74 14.25 1.24
CA ILE B 16 -3.89 14.61 2.66
C ILE B 16 -4.16 16.13 2.88
N ARG B 17 -3.46 16.90 2.12
CA ARG B 17 -3.61 18.38 2.11
C ARG B 17 -5.05 18.72 1.69
N LEU B 18 -5.54 18.04 0.65
CA LEU B 18 -6.93 18.28 0.22
C LEU B 18 -8.00 18.02 1.19
N LEU B 19 -7.67 16.92 2.01
CA LEU B 19 -8.58 16.44 3.02
C LEU B 19 -8.58 17.34 4.22
N LEU B 20 -7.37 17.79 4.58
CA LEU B 20 -7.37 18.70 5.76
C LEU B 20 -8.24 19.93 5.42
N GLU B 21 -8.04 20.37 4.20
CA GLU B 21 -8.85 21.60 3.81
C GLU B 21 -10.33 21.37 3.73
N TYR B 22 -10.74 20.22 3.17
CA TYR B 22 -12.14 19.79 3.08
C TYR B 22 -12.82 19.67 4.40
N THR B 23 -12.11 19.14 5.42
CA THR B 23 -12.68 18.99 6.77
C THR B 23 -12.46 20.27 7.55
N ASP B 24 -11.91 21.31 6.94
CA ASP B 24 -11.65 22.53 7.75
C ASP B 24 -10.85 22.25 9.02
N SER B 25 -9.87 21.38 8.91
CA SER B 25 -8.95 21.08 10.02
C SER B 25 -8.00 22.28 10.26
N SER B 26 -7.73 22.45 11.53
CA SER B 26 -6.78 23.50 11.98
C SER B 26 -5.42 22.82 11.98
N TYR B 27 -4.63 23.14 10.98
CA TYR B 27 -3.32 22.60 10.70
C TYR B 27 -2.28 23.62 10.22
N GLU B 28 -1.05 23.22 10.45
CA GLU B 28 0.22 23.86 10.08
C GLU B 28 1.00 22.82 9.30
N GLU B 29 1.81 23.31 8.41
CA GLU B 29 2.73 22.60 7.58
C GLU B 29 4.21 22.88 7.81
N LYS B 30 4.99 21.82 7.70
CA LYS B 30 6.44 21.88 7.73
C LYS B 30 6.81 21.28 6.38
N ARG B 31 7.28 22.04 5.44
CA ARG B 31 7.67 21.61 4.11
C ARG B 31 9.17 21.58 4.05
N TYR B 32 9.80 20.37 4.14
CA TYR B 32 11.25 20.25 4.06
C TYR B 32 11.82 20.40 2.67
N ALA B 33 12.95 21.02 2.54
CA ALA B 33 13.71 21.23 1.32
C ALA B 33 14.89 20.30 1.21
N MET B 34 15.05 19.69 0.06
CA MET B 34 16.21 18.86 -0.27
C MET B 34 17.23 19.82 -0.89
N GLY B 35 18.46 19.35 -0.99
CA GLY B 35 19.53 20.20 -1.54
C GLY B 35 19.58 19.89 -3.04
N ASP B 36 20.38 20.71 -3.67
CA ASP B 36 20.53 20.59 -5.15
C ASP B 36 21.59 19.55 -5.50
N ALA B 37 21.53 19.29 -6.79
CA ALA B 37 22.40 18.32 -7.47
C ALA B 37 23.80 18.92 -7.28
N PRO B 38 24.83 18.11 -7.15
CA PRO B 38 24.75 16.66 -7.16
C PRO B 38 24.21 16.00 -5.89
N ASP B 39 24.54 16.48 -4.68
CA ASP B 39 24.15 15.77 -3.45
C ASP B 39 22.70 15.80 -2.97
N TYR B 40 21.89 16.75 -3.40
CA TYR B 40 20.50 16.78 -2.93
C TYR B 40 20.44 16.49 -1.43
N ASP B 41 21.06 17.35 -0.64
CA ASP B 41 21.08 17.20 0.82
C ASP B 41 19.68 16.95 1.40
N ARG B 42 19.62 16.09 2.42
CA ARG B 42 18.36 15.75 3.12
C ARG B 42 18.41 16.14 4.59
N SER B 43 19.52 16.73 5.00
CA SER B 43 19.81 17.15 6.38
C SER B 43 18.67 17.80 7.13
N GLN B 44 17.87 18.64 6.44
CA GLN B 44 16.74 19.29 7.12
C GLN B 44 15.74 18.32 7.75
N TRP B 45 15.55 17.23 7.07
CA TRP B 45 14.66 16.14 7.49
C TRP B 45 15.42 15.21 8.50
N LEU B 46 16.51 14.75 7.99
CA LEU B 46 17.38 13.75 8.68
C LEU B 46 17.89 14.23 10.01
N ASN B 47 18.18 15.52 10.15
CA ASN B 47 18.50 16.10 11.43
C ASN B 47 17.37 15.84 12.43
N GLU B 48 16.10 15.84 12.02
CA GLU B 48 15.05 15.57 13.01
C GLU B 48 14.29 14.28 12.84
N LYS B 49 14.56 13.41 11.90
CA LYS B 49 13.83 12.17 11.63
C LYS B 49 13.46 11.36 12.90
N PHE B 50 14.56 11.06 13.61
CA PHE B 50 14.49 10.34 14.88
C PHE B 50 14.23 11.16 16.10
N LYS B 51 13.87 12.46 16.03
CA LYS B 51 13.53 13.22 17.22
C LYS B 51 12.08 13.67 17.34
N LEU B 52 11.14 13.11 16.64
CA LEU B 52 9.74 13.56 16.74
C LEU B 52 8.85 12.64 17.51
N GLY B 53 9.33 11.45 17.86
CA GLY B 53 8.45 10.54 18.62
C GLY B 53 7.60 9.65 17.74
N LEU B 54 7.94 9.58 16.47
CA LEU B 54 7.24 8.71 15.51
C LEU B 54 7.67 7.25 15.67
N ASP B 55 6.70 6.38 15.62
CA ASP B 55 6.92 4.90 15.64
C ASP B 55 7.76 4.39 14.52
N PHE B 56 7.41 4.77 13.28
CA PHE B 56 8.20 4.39 12.11
C PHE B 56 8.42 5.70 11.33
N PRO B 57 9.35 6.50 11.78
CA PRO B 57 9.68 7.77 11.12
C PRO B 57 9.74 7.70 9.61
N ASN B 58 8.98 8.69 9.03
CA ASN B 58 8.94 8.77 7.54
C ASN B 58 8.15 10.04 7.18
N LEU B 59 8.17 10.33 5.88
CA LEU B 59 7.38 11.54 5.43
C LEU B 59 6.37 10.96 4.39
N PRO B 60 5.11 11.32 4.48
CA PRO B 60 4.56 12.29 5.41
C PRO B 60 4.31 11.72 6.81
N TYR B 61 4.26 12.64 7.75
CA TYR B 61 3.87 12.44 9.09
C TYR B 61 2.81 13.45 9.45
N LEU B 62 2.02 13.13 10.40
CA LEU B 62 0.98 13.86 11.06
C LEU B 62 0.98 13.76 12.57
N ILE B 63 1.02 14.95 13.18
CA ILE B 63 0.87 15.15 14.63
C ILE B 63 -0.46 15.81 14.91
N ASP B 64 -1.28 15.24 15.77
CA ASP B 64 -2.59 15.74 16.16
C ASP B 64 -2.81 15.60 17.66
N GLY B 65 -2.37 16.60 18.41
CA GLY B 65 -2.52 16.47 19.90
C GLY B 65 -1.52 15.35 20.27
N SER B 66 -1.99 14.35 20.97
CA SER B 66 -1.15 13.21 21.39
C SER B 66 -1.03 12.17 20.29
N ARG B 67 -1.66 12.33 19.15
CA ARG B 67 -1.62 11.31 18.09
C ARG B 67 -0.56 11.69 17.08
N LYS B 68 0.34 10.79 16.83
CA LYS B 68 1.42 10.85 15.85
C LYS B 68 1.37 9.69 14.84
N ILE B 69 1.09 9.95 13.59
CA ILE B 69 1.03 9.03 12.45
C ILE B 69 1.94 9.16 11.28
N THR B 70 2.47 8.12 10.68
CA THR B 70 3.24 8.02 9.46
C THR B 70 2.45 6.97 8.67
N GLN B 71 2.76 6.79 7.43
CA GLN B 71 2.10 6.02 6.39
C GLN B 71 0.92 6.82 5.86
N SER B 72 1.08 7.45 4.72
CA SER B 72 0.06 8.25 4.02
C SER B 72 -1.32 7.64 4.10
N ASN B 73 -1.50 6.34 3.79
CA ASN B 73 -2.75 5.61 3.89
C ASN B 73 -3.40 5.62 5.22
N ALA B 74 -2.58 5.42 6.31
CA ALA B 74 -3.00 5.44 7.68
C ALA B 74 -3.45 6.88 8.05
N ILE B 75 -2.73 7.86 7.56
CA ILE B 75 -3.12 9.25 7.86
C ILE B 75 -4.51 9.56 7.23
N MET B 76 -4.63 9.14 6.00
CA MET B 76 -5.94 9.29 5.29
C MET B 76 -7.04 8.67 6.14
N ARG B 77 -6.88 7.41 6.57
CA ARG B 77 -7.91 6.68 7.32
C ARG B 77 -8.23 7.27 8.63
N TYR B 78 -7.22 7.82 9.29
CA TYR B 78 -7.42 8.44 10.60
C TYR B 78 -8.35 9.68 10.45
N LEU B 79 -8.03 10.45 9.41
CA LEU B 79 -8.92 11.67 9.21
C LEU B 79 -10.31 11.21 8.81
N ALA B 80 -10.44 10.18 7.99
CA ALA B 80 -11.71 9.63 7.47
C ALA B 80 -12.63 9.31 8.62
N ARG B 81 -12.03 8.66 9.67
CA ARG B 81 -12.71 8.21 10.88
C ARG B 81 -13.07 9.40 11.75
N LYS B 82 -12.13 10.35 11.85
CA LYS B 82 -12.39 11.55 12.69
C LYS B 82 -13.54 12.42 12.16
N HIS B 83 -13.75 12.43 10.85
CA HIS B 83 -14.82 13.34 10.29
C HIS B 83 -15.92 12.54 9.62
N HIS B 84 -15.86 11.23 9.81
CA HIS B 84 -16.81 10.30 9.24
C HIS B 84 -17.04 10.39 7.73
N LEU B 85 -16.05 10.12 6.96
CA LEU B 85 -15.89 10.09 5.55
C LEU B 85 -15.51 8.69 5.08
N CYS B 86 -16.10 7.75 5.76
CA CYS B 86 -15.92 6.31 5.36
C CYS B 86 -17.21 5.78 4.73
N GLY B 87 -17.10 4.56 4.23
CA GLY B 87 -18.25 3.84 3.63
C GLY B 87 -19.18 3.43 4.77
N GLU B 88 -20.47 3.39 4.50
CA GLU B 88 -21.45 3.00 5.52
C GLU B 88 -21.90 1.55 5.42
N THR B 89 -21.81 0.96 4.27
CA THR B 89 -22.29 -0.43 4.08
C THR B 89 -21.10 -1.26 3.69
N GLU B 90 -21.29 -2.58 3.84
CA GLU B 90 -20.19 -3.50 3.48
C GLU B 90 -19.81 -3.23 2.04
N GLU B 91 -20.80 -2.93 1.17
CA GLU B 91 -20.53 -2.66 -0.24
C GLU B 91 -19.57 -1.47 -0.45
N GLU B 92 -19.77 -0.44 0.32
CA GLU B 92 -18.99 0.81 0.24
C GLU B 92 -17.55 0.63 0.73
N ARG B 93 -17.48 -0.08 1.85
CA ARG B 93 -16.20 -0.38 2.52
C ARG B 93 -15.32 -1.17 1.62
N ILE B 94 -15.91 -2.18 0.94
CA ILE B 94 -15.16 -3.01 0.01
C ILE B 94 -14.71 -2.20 -1.20
N ARG B 95 -15.54 -1.25 -1.68
CA ARG B 95 -15.05 -0.44 -2.84
C ARG B 95 -13.87 0.44 -2.41
N ALA B 96 -13.96 1.08 -1.32
CA ALA B 96 -12.98 1.95 -0.67
C ALA B 96 -11.61 1.26 -0.52
N ASP B 97 -11.70 0.06 0.07
CA ASP B 97 -10.43 -0.76 0.19
C ASP B 97 -9.71 -0.98 -1.08
N ILE B 98 -10.48 -1.44 -2.08
CA ILE B 98 -9.90 -1.73 -3.38
C ILE B 98 -9.23 -0.44 -3.89
N VAL B 99 -10.06 0.62 -3.89
CA VAL B 99 -9.56 1.86 -4.55
C VAL B 99 -8.34 2.40 -3.77
N GLU B 100 -8.44 2.36 -2.45
CA GLU B 100 -7.24 2.86 -1.70
C GLU B 100 -5.99 2.26 -2.22
N ASN B 101 -5.96 0.91 -2.32
CA ASN B 101 -4.85 0.06 -2.71
C ASN B 101 -4.40 0.19 -4.17
N GLN B 102 -5.39 0.39 -5.03
CA GLN B 102 -5.14 0.49 -6.48
C GLN B 102 -4.34 1.77 -6.76
N VAL B 103 -4.84 2.84 -6.15
CA VAL B 103 -4.16 4.12 -6.35
C VAL B 103 -2.70 3.96 -5.99
N MET B 104 -2.40 3.38 -4.81
CA MET B 104 -0.98 3.22 -4.42
C MET B 104 -0.15 2.55 -5.47
N ASP B 105 -0.66 1.48 -6.06
CA ASP B 105 -0.05 0.68 -7.11
C ASP B 105 0.25 1.56 -8.32
N ASN B 106 -0.76 2.25 -8.78
CA ASN B 106 -0.62 3.15 -9.97
C ASN B 106 0.35 4.32 -9.58
N ARG B 107 0.25 4.83 -8.37
CA ARG B 107 1.17 5.94 -8.00
C ARG B 107 2.61 5.48 -8.19
N MET B 108 2.93 4.29 -7.68
CA MET B 108 4.25 3.71 -7.75
C MET B 108 4.76 3.34 -9.13
N GLN B 109 3.93 2.80 -9.99
CA GLN B 109 4.35 2.46 -11.35
C GLN B 109 4.81 3.78 -11.97
N LEU B 110 4.05 4.82 -11.63
CA LEU B 110 4.37 6.15 -12.22
C LEU B 110 5.76 6.56 -11.78
N ILE B 111 5.89 6.84 -10.48
CA ILE B 111 7.15 7.25 -9.88
C ILE B 111 8.30 6.59 -10.64
N MET B 112 8.40 5.29 -10.47
CA MET B 112 9.40 4.42 -11.05
C MET B 112 9.75 4.64 -12.51
N LEU B 113 8.93 5.39 -13.21
CA LEU B 113 9.24 5.74 -14.63
C LEU B 113 9.93 7.12 -14.57
N CYS B 114 9.13 7.97 -13.96
CA CYS B 114 9.48 9.39 -13.71
C CYS B 114 10.77 9.37 -12.91
N TYR B 115 11.15 8.22 -12.39
CA TYR B 115 12.40 8.03 -11.65
C TYR B 115 13.35 7.14 -12.43
N ASN B 116 12.85 6.47 -13.44
CA ASN B 116 13.64 5.56 -14.29
C ASN B 116 14.43 6.46 -15.24
N PRO B 117 15.73 6.25 -15.20
CA PRO B 117 16.68 7.03 -16.00
C PRO B 117 16.53 7.00 -17.52
N ASP B 118 15.70 6.08 -17.98
CA ASP B 118 15.44 5.90 -19.42
C ASP B 118 14.01 6.41 -19.70
N PHE B 119 13.58 7.28 -18.81
CA PHE B 119 12.28 7.95 -18.81
C PHE B 119 11.70 8.17 -20.21
N GLU B 120 12.61 8.52 -21.09
CA GLU B 120 12.30 8.85 -22.49
C GLU B 120 11.95 7.69 -23.40
N LYS B 121 12.85 6.74 -23.51
CA LYS B 121 12.67 5.55 -24.34
C LYS B 121 11.46 4.76 -23.80
N GLN B 122 11.38 4.84 -22.47
CA GLN B 122 10.35 4.11 -21.70
C GLN B 122 9.00 4.79 -21.83
N LYS B 123 9.07 6.10 -21.93
CA LYS B 123 7.90 6.97 -21.97
C LYS B 123 6.77 6.62 -22.94
N PRO B 124 7.11 6.68 -24.22
CA PRO B 124 6.16 6.44 -25.30
C PRO B 124 5.22 5.29 -25.00
N GLU B 125 5.87 4.19 -24.69
CA GLU B 125 5.29 2.89 -24.39
C GLU B 125 4.49 2.89 -23.09
N PHE B 126 5.11 3.52 -22.07
CA PHE B 126 4.52 3.56 -20.73
C PHE B 126 3.10 4.10 -20.97
N LEU B 127 3.08 5.27 -21.60
CA LEU B 127 1.83 5.96 -21.90
C LEU B 127 1.09 5.24 -23.03
N LYS B 128 1.61 4.06 -23.35
CA LYS B 128 0.95 3.22 -24.37
C LYS B 128 -0.23 2.53 -23.66
N THR B 129 0.03 2.26 -22.38
CA THR B 129 -0.82 1.60 -21.42
C THR B 129 -1.60 2.52 -20.49
N ILE B 130 -1.29 3.80 -20.51
CA ILE B 130 -2.00 4.80 -19.71
C ILE B 130 -3.51 4.69 -19.94
N PRO B 131 -3.93 4.49 -21.20
CA PRO B 131 -5.30 4.26 -21.58
C PRO B 131 -6.08 3.21 -20.79
N GLU B 132 -5.56 1.99 -20.86
CA GLU B 132 -6.13 0.80 -20.22
C GLU B 132 -6.30 0.93 -18.71
N LYS B 133 -5.43 1.67 -18.04
CA LYS B 133 -5.59 1.90 -16.59
C LYS B 133 -6.80 2.79 -16.33
N MET B 134 -6.86 3.81 -17.21
CA MET B 134 -7.95 4.80 -17.20
C MET B 134 -9.31 4.12 -17.41
N LYS B 135 -9.35 3.19 -18.34
CA LYS B 135 -10.55 2.42 -18.64
C LYS B 135 -11.02 1.66 -17.43
N LEU B 136 -10.01 1.12 -16.67
CA LEU B 136 -10.36 0.40 -15.43
C LEU B 136 -11.01 1.40 -14.50
N TYR B 137 -10.45 2.64 -14.36
CA TYR B 137 -11.12 3.55 -13.44
C TYR B 137 -12.57 3.82 -13.82
N SER B 138 -12.75 4.09 -15.11
CA SER B 138 -14.08 4.45 -15.69
C SER B 138 -15.22 3.48 -15.43
N GLU B 139 -15.01 2.22 -15.78
CA GLU B 139 -16.02 1.16 -15.58
C GLU B 139 -16.25 0.96 -14.10
N PHE B 140 -15.20 1.08 -13.29
CA PHE B 140 -15.44 0.91 -11.82
C PHE B 140 -16.40 1.99 -11.35
N LEU B 141 -16.04 3.22 -11.80
CA LEU B 141 -16.92 4.36 -11.38
C LEU B 141 -18.33 4.23 -11.98
N GLY B 142 -18.43 3.94 -13.23
CA GLY B 142 -19.77 3.86 -13.89
C GLY B 142 -20.47 5.22 -13.86
N LYS B 143 -21.68 5.21 -13.38
CA LYS B 143 -22.61 6.32 -13.27
C LYS B 143 -22.73 6.89 -11.88
N ARG B 144 -22.00 6.31 -10.91
CA ARG B 144 -22.05 6.89 -9.55
C ARG B 144 -21.29 8.22 -9.51
N PRO B 145 -21.65 9.07 -8.58
CA PRO B 145 -21.02 10.39 -8.40
C PRO B 145 -19.70 10.35 -7.62
N TRP B 146 -19.55 9.29 -6.79
CA TRP B 146 -18.36 9.13 -5.94
C TRP B 146 -17.95 7.64 -5.98
N PHE B 147 -16.65 7.43 -5.76
CA PHE B 147 -16.05 6.10 -5.93
C PHE B 147 -16.68 5.03 -5.05
N ALA B 148 -17.04 5.36 -3.85
CA ALA B 148 -17.53 4.38 -2.86
C ALA B 148 -19.03 4.21 -2.81
N GLY B 149 -19.77 5.24 -3.20
CA GLY B 149 -21.24 5.15 -3.20
C GLY B 149 -21.96 6.48 -3.34
N ASP B 150 -22.89 6.71 -2.43
CA ASP B 150 -23.77 7.87 -2.41
C ASP B 150 -23.08 9.20 -2.07
N LYS B 151 -22.23 9.13 -1.04
CA LYS B 151 -21.51 10.34 -0.63
C LYS B 151 -19.99 10.24 -0.79
N VAL B 152 -19.37 11.39 -0.56
CA VAL B 152 -17.95 11.64 -0.67
C VAL B 152 -17.27 10.87 0.49
N THR B 153 -16.23 10.15 0.15
CA THR B 153 -15.42 9.49 1.24
C THR B 153 -13.95 9.80 1.04
N TYR B 154 -13.10 9.24 1.92
CA TYR B 154 -11.62 9.50 1.76
C TYR B 154 -10.99 9.12 0.50
N VAL B 155 -11.55 8.04 -0.12
CA VAL B 155 -11.01 7.45 -1.30
C VAL B 155 -11.10 8.43 -2.52
N ASP B 156 -12.16 9.16 -2.56
CA ASP B 156 -12.23 10.15 -3.75
C ASP B 156 -11.01 11.00 -3.77
N PHE B 157 -10.48 11.39 -2.57
CA PHE B 157 -9.25 12.25 -2.58
C PHE B 157 -8.04 11.62 -3.20
N LEU B 158 -7.93 10.28 -3.06
CA LEU B 158 -6.86 9.46 -3.60
C LEU B 158 -7.13 9.30 -5.09
N ALA B 159 -8.36 8.94 -5.40
CA ALA B 159 -8.66 8.77 -6.85
C ALA B 159 -8.43 10.10 -7.63
N TYR B 160 -8.93 11.15 -7.05
CA TYR B 160 -8.72 12.51 -7.69
C TYR B 160 -7.31 12.77 -8.11
N ASP B 161 -6.41 12.51 -7.12
CA ASP B 161 -4.94 12.70 -7.28
C ASP B 161 -4.27 11.93 -8.36
N ILE B 162 -4.43 10.59 -8.47
CA ILE B 162 -3.78 9.85 -9.52
C ILE B 162 -4.46 10.26 -10.85
N LEU B 163 -5.75 10.46 -10.84
CA LEU B 163 -6.40 10.78 -12.18
C LEU B 163 -5.86 12.14 -12.66
N ASP B 164 -5.62 13.05 -11.77
CA ASP B 164 -5.09 14.40 -12.11
C ASP B 164 -3.70 14.25 -12.66
N GLN B 165 -2.85 13.47 -11.98
CA GLN B 165 -1.45 13.25 -12.43
C GLN B 165 -1.35 12.61 -13.81
N TYR B 166 -2.31 11.73 -14.09
CA TYR B 166 -2.39 11.01 -15.34
C TYR B 166 -2.61 11.97 -16.52
N HIS B 167 -3.56 12.86 -16.33
CA HIS B 167 -3.93 13.85 -17.33
C HIS B 167 -2.99 15.05 -17.42
N ILE B 168 -1.89 14.95 -16.70
CA ILE B 168 -0.76 15.87 -16.65
C ILE B 168 0.33 15.24 -17.53
N PHE B 169 0.48 13.94 -17.40
CA PHE B 169 1.48 13.14 -18.13
C PHE B 169 0.98 12.80 -19.54
N GLU B 170 -0.32 12.65 -19.69
CA GLU B 170 -0.93 12.40 -21.01
C GLU B 170 -2.30 13.07 -21.11
N PRO B 171 -2.24 14.37 -21.39
CA PRO B 171 -3.42 15.25 -21.46
C PRO B 171 -4.52 14.63 -22.30
N LYS B 172 -4.12 13.91 -23.33
CA LYS B 172 -5.07 13.25 -24.22
C LYS B 172 -5.66 11.96 -23.65
N CYS B 173 -5.41 11.70 -22.38
CA CYS B 173 -5.97 10.47 -21.78
C CYS B 173 -7.44 10.64 -21.42
N LEU B 174 -7.80 11.50 -20.50
CA LEU B 174 -9.15 11.71 -19.99
C LEU B 174 -10.20 11.61 -21.09
N ASP B 175 -9.73 11.76 -22.29
CA ASP B 175 -10.47 11.82 -23.55
C ASP B 175 -11.63 10.86 -23.78
N ALA B 176 -11.38 9.56 -23.91
CA ALA B 176 -12.48 8.61 -24.10
C ALA B 176 -13.35 8.40 -22.86
N PHE B 177 -13.01 8.99 -21.72
CA PHE B 177 -13.82 8.69 -20.52
C PHE B 177 -14.42 9.91 -19.84
N PRO B 178 -15.60 10.28 -20.28
CA PRO B 178 -16.26 11.49 -19.82
C PRO B 178 -16.61 11.38 -18.35
N ASN B 179 -17.03 10.19 -17.91
CA ASN B 179 -17.37 10.11 -16.45
C ASN B 179 -16.08 10.40 -15.67
N LEU B 180 -14.88 10.17 -16.19
CA LEU B 180 -13.70 10.57 -15.40
C LEU B 180 -13.51 12.10 -15.48
N LYS B 181 -13.76 12.67 -16.66
CA LYS B 181 -13.66 14.15 -16.76
C LYS B 181 -14.67 14.78 -15.83
N ASP B 182 -15.90 14.30 -15.73
CA ASP B 182 -16.87 14.87 -14.80
C ASP B 182 -16.50 14.71 -13.30
N PHE B 183 -15.96 13.53 -12.97
CA PHE B 183 -15.56 13.32 -11.53
C PHE B 183 -14.60 14.45 -11.11
N LEU B 184 -13.57 14.59 -11.97
CA LEU B 184 -12.50 15.60 -11.73
C LEU B 184 -13.08 17.01 -11.56
N ALA B 185 -14.13 17.35 -12.32
CA ALA B 185 -14.73 18.68 -12.23
C ALA B 185 -15.65 18.65 -11.03
N ARG B 186 -16.30 17.53 -10.76
CA ARG B 186 -17.18 17.55 -9.55
C ARG B 186 -16.31 17.70 -8.28
N PHE B 187 -15.16 17.06 -8.30
CA PHE B 187 -14.27 17.09 -7.07
C PHE B 187 -13.71 18.51 -6.85
N GLU B 188 -13.24 19.06 -7.93
CA GLU B 188 -12.70 20.42 -8.08
C GLU B 188 -13.71 21.47 -7.69
N GLY B 189 -14.99 21.11 -7.82
CA GLY B 189 -16.15 21.95 -7.54
C GLY B 189 -16.62 21.93 -6.11
N LEU B 190 -16.03 21.10 -5.26
CA LEU B 190 -16.46 21.12 -3.84
C LEU B 190 -15.91 22.46 -3.31
N LYS B 191 -16.80 23.11 -2.59
CA LYS B 191 -16.61 24.45 -2.04
C LYS B 191 -15.25 24.68 -1.43
N LYS B 192 -15.01 23.87 -0.36
CA LYS B 192 -13.77 24.03 0.36
C LYS B 192 -12.60 23.78 -0.54
N ILE B 193 -12.65 22.88 -1.49
CA ILE B 193 -11.60 22.58 -2.42
C ILE B 193 -11.29 23.71 -3.44
N SER B 194 -12.43 24.21 -3.93
CA SER B 194 -12.33 25.32 -4.92
C SER B 194 -11.51 26.45 -4.31
N ALA B 195 -11.78 26.83 -3.11
CA ALA B 195 -11.15 27.93 -2.41
C ALA B 195 -9.69 27.61 -2.15
N TYR B 196 -9.41 26.33 -1.80
CA TYR B 196 -8.00 25.98 -1.48
C TYR B 196 -7.10 26.20 -2.67
N MET B 197 -7.53 25.78 -3.83
CA MET B 197 -6.92 25.76 -5.13
C MET B 197 -6.50 27.15 -5.66
N LYS B 198 -7.08 28.15 -5.16
CA LYS B 198 -6.79 29.57 -5.47
C LYS B 198 -5.98 30.15 -4.33
N SER B 199 -5.67 29.34 -3.30
CA SER B 199 -5.03 29.90 -2.11
C SER B 199 -3.52 29.93 -2.24
N SER B 200 -2.86 30.54 -1.26
CA SER B 200 -1.39 30.54 -1.23
C SER B 200 -0.84 29.15 -0.80
N ARG B 201 -1.69 28.44 -0.08
CA ARG B 201 -1.28 27.09 0.42
C ARG B 201 -1.14 26.07 -0.67
N TYR B 202 -1.87 26.29 -1.78
CA TYR B 202 -1.85 25.26 -2.85
C TYR B 202 -0.54 25.04 -3.56
N LEU B 203 -0.22 23.76 -3.76
CA LEU B 203 0.99 23.21 -4.33
C LEU B 203 0.69 22.04 -5.28
N SER B 204 0.47 22.36 -6.53
CA SER B 204 0.16 21.42 -7.61
C SER B 204 1.35 20.71 -8.24
N THR B 205 2.43 21.44 -8.34
CA THR B 205 3.67 20.92 -8.97
C THR B 205 4.85 21.53 -8.24
N PRO B 206 6.03 20.95 -8.28
CA PRO B 206 6.38 19.72 -9.02
C PRO B 206 5.93 18.50 -8.23
N ILE B 207 5.84 17.35 -8.88
CA ILE B 207 5.36 16.12 -8.23
C ILE B 207 6.45 15.29 -7.56
N PHE B 208 7.65 15.40 -8.10
CA PHE B 208 8.84 14.71 -7.63
C PHE B 208 9.95 15.70 -7.30
N SER B 209 10.99 15.13 -6.74
CA SER B 209 12.24 15.81 -6.35
C SER B 209 13.00 16.15 -7.64
N LYS B 210 14.02 17.00 -7.49
CA LYS B 210 14.81 17.43 -8.66
C LYS B 210 15.42 16.18 -9.27
N LEU B 211 15.32 15.10 -8.49
CA LEU B 211 15.94 13.83 -8.88
C LEU B 211 15.25 13.18 -10.08
N ALA B 212 13.96 13.46 -10.16
CA ALA B 212 13.07 12.96 -11.23
C ALA B 212 13.49 13.46 -12.61
N GLN B 213 12.71 13.02 -13.58
CA GLN B 213 12.78 13.37 -14.99
C GLN B 213 11.48 14.03 -15.44
N TRP B 214 10.49 14.05 -14.57
CA TRP B 214 9.19 14.66 -14.91
C TRP B 214 8.55 15.30 -13.67
N SER B 215 8.11 16.53 -13.91
CA SER B 215 7.49 17.34 -12.84
C SER B 215 8.50 17.34 -11.68
N ASN B 216 9.73 17.66 -12.05
CA ASN B 216 10.86 17.65 -11.09
C ASN B 216 11.29 19.07 -10.72
N LYS B 217 10.60 20.03 -11.33
CA LYS B 217 10.83 21.46 -11.03
C LYS B 217 9.54 22.26 -11.02
S SO4 C . 6.51 -24.72 -12.24
O1 SO4 C . 7.24 -24.74 -10.92
O2 SO4 C . 7.44 -25.02 -13.40
O3 SO4 C . 5.40 -25.76 -12.23
O4 SO4 C . 5.84 -23.36 -12.39
N1 GDN D . -0.88 -4.15 -4.72
CA1 GDN D . -1.01 -5.55 -5.26
C1 GDN D . -1.56 -6.53 -4.30
O11 GDN D . -2.26 -7.50 -4.49
O12 GDN D . -1.29 -6.03 -3.03
CB1 GDN D . 0.17 -6.01 -6.08
CG1 GDN D . -0.36 -7.19 -6.98
CD1 GDN D . 0.78 -7.62 -7.88
OE1 GDN D . 1.54 -6.74 -8.33
N2 GDN D . 0.75 -8.95 -8.15
CA2 GDN D . 1.74 -9.68 -8.93
C2 GDN D . 1.03 -10.33 -10.12
O2 GDN D . 1.58 -11.33 -10.56
CB2 GDN D . 2.54 -10.66 -8.08
SG2 GDN D . 3.37 -9.76 -6.83
N3 GDN D . 0.02 -9.76 -10.72
CA3 GDN D . -0.50 -10.40 -11.95
C3 GDN D . -0.93 -9.40 -12.98
O31 GDN D . -0.65 -8.18 -12.90
O32 GDN D . -1.67 -9.73 -14.07
C1' GDN D . 4.30 -8.54 -7.55
C2' GDN D . 4.68 -7.47 -6.79
C3' GDN D . 5.38 -6.44 -7.40
C4' GDN D . 5.69 -6.55 -8.77
C5' GDN D . 5.30 -7.63 -9.53
C6' GDN D . 4.62 -8.65 -8.92
N2' GDN D . 4.42 -7.26 -5.40
O2A GDN D . 4.06 -8.17 -4.64
O2B GDN D . 4.65 -6.08 -5.02
N4' GDN D . 6.41 -5.51 -9.39
O4A GDN D . 6.77 -4.42 -8.68
O4B GDN D . 6.72 -5.54 -10.73
N1 GDN E . 4.47 4.00 2.16
CA1 GDN E . 4.91 5.36 2.70
C1 GDN E . 3.82 6.36 2.79
O11 GDN E . 3.56 7.25 3.55
O12 GDN E . 2.79 5.85 1.95
CB1 GDN E . 5.97 5.89 1.68
CG1 GDN E . 6.57 7.23 2.27
CD1 GDN E . 7.89 7.51 1.53
OE1 GDN E . 8.42 6.66 0.78
N2 GDN E . 8.39 8.69 1.84
CA2 GDN E . 9.49 9.26 1.01
C2 GDN E . 10.52 9.92 1.97
O2 GDN E . 11.24 10.79 1.46
CB2 GDN E . 8.85 10.30 0.09
SG2 GDN E . 8.07 9.50 -1.25
N3 GDN E . 10.68 9.45 3.15
CA3 GDN E . 11.43 10.08 4.23
C3 GDN E . 12.41 9.01 4.73
O31 GDN E . 12.51 7.92 4.15
O32 GDN E . 13.24 9.33 5.64
C1' GDN E . 8.91 8.25 -2.02
C2' GDN E . 10.22 8.45 -2.41
C3' GDN E . 10.90 7.40 -3.00
C4' GDN E . 10.24 6.19 -3.22
C5' GDN E . 8.91 6.04 -2.82
C6' GDN E . 8.22 7.05 -2.24
N2' GDN E . 10.92 9.71 -2.27
O2A GDN E . 10.56 10.60 -1.46
O2B GDN E . 11.90 9.94 -3.02
N4' GDN E . 10.89 5.12 -3.79
O4A GDN E . 12.17 5.27 -4.32
O4B GDN E . 10.43 3.99 -3.94
#